data_4IKV
#
_entry.id   4IKV
#
_cell.length_a   50.761
_cell.length_b   94.917
_cell.length_c   57.253
_cell.angle_alpha   90.000
_cell.angle_beta   111.100
_cell.angle_gamma   90.000
#
_symmetry.space_group_name_H-M   'P 1 21 1'
#
loop_
_entity.id
_entity.type
_entity.pdbx_description
1 polymer 'Di-tripeptide ABC transporter (Permease)'
2 non-polymer 'SULFATE ION'
3 non-polymer 'OLEIC ACID'
4 non-polymer '(2S)-2,3-dihydroxypropyl (9Z)-octadec-9-enoate'
5 non-polymer 'TETRAETHYLENE GLYCOL'
6 water water
#
_entity_poly.entity_id   1
_entity_poly.type   'polypeptide(L)'
_entity_poly.pdbx_seq_one_letter_code
;MASIDKQQIAASVPQRGFFGHPKGLFTLFFTEFWERFSYYGMRAILVYYMYYEVSKGGLGLDEHLALAIMSIYGALVYMS
GIIGGWLADRVFGTSRAVFYGGLLIMAGHIALAIPGGVAALFVSMALIVLGTGLLKPNVSSIVGDMYKPGDDRRDAGFSI
FYMGINLGAFLAPLVVGTAGMKYNFHLGFGLAAVGMFLGLVVFVATRKKNLGLAGTYVPNPLTPAEKKKAAAIMAVGAVV
IAVLLAILIPNGWFTVETFISLVGILGIIIPIIYFVVMYRSPKTTAEERSRVIAYIPLFVASAMFWAIQEQGSTILANYA
DKRTQLDVAGIHLSPAWFQSLNPLFIIILAPVFAWMWVKLGKRQPTIPQKFALGLLFAGLSFIVILVPGHLSGGGLVHPI
WLVLSYFIVVLGELCLSPVGLSATTKLAPAAFSAQTMSLWFLSNAAAQAINAQLVRFYTPENETAYFGTIGGAALVLGLI
LLAIAPRIGRLMKGIRLESSGENLYFQ
;
_entity_poly.pdbx_strand_id   A
#
# COMPACT_ATOMS: atom_id res chain seq x y z
N ALA A 2 -18.91 1.27 -25.68
CA ALA A 2 -18.63 2.44 -24.85
C ALA A 2 -17.13 2.77 -24.75
N SER A 3 -16.29 1.78 -25.04
CA SER A 3 -14.85 2.02 -25.20
C SER A 3 -14.62 2.99 -26.35
N ILE A 4 -13.59 3.82 -26.26
CA ILE A 4 -13.32 4.81 -27.30
C ILE A 4 -11.92 4.61 -27.87
N ASP A 5 -11.77 4.82 -29.18
CA ASP A 5 -10.46 4.78 -29.82
C ASP A 5 -9.46 5.63 -29.04
N LYS A 6 -8.30 5.07 -28.73
CA LYS A 6 -7.32 5.76 -27.89
C LYS A 6 -6.76 7.03 -28.53
N GLN A 7 -6.59 7.01 -29.84
CA GLN A 7 -6.09 8.21 -30.51
C GLN A 7 -7.13 9.33 -30.42
N GLN A 8 -8.40 8.98 -30.59
CA GLN A 8 -9.50 9.94 -30.44
C GLN A 8 -9.56 10.52 -29.02
N ILE A 9 -9.38 9.67 -28.02
CA ILE A 9 -9.34 10.15 -26.63
C ILE A 9 -8.21 11.16 -26.45
N ALA A 10 -7.01 10.78 -26.87
CA ALA A 10 -5.85 11.66 -26.71
C ALA A 10 -6.02 12.98 -27.46
N ALA A 11 -6.71 12.94 -28.61
CA ALA A 11 -6.96 14.15 -29.41
C ALA A 11 -7.85 15.17 -28.68
N SER A 12 -8.51 14.74 -27.61
CA SER A 12 -9.40 15.61 -26.82
C SER A 12 -8.63 16.21 -25.66
N VAL A 13 -7.40 15.78 -25.48
CA VAL A 13 -6.59 16.21 -24.37
C VAL A 13 -5.53 17.19 -24.84
N PRO A 14 -5.53 18.40 -24.25
CA PRO A 14 -4.48 19.37 -24.60
C PRO A 14 -3.12 18.76 -24.35
N GLN A 15 -2.21 18.88 -25.31
CA GLN A 15 -1.02 18.02 -25.31
C GLN A 15 0.23 18.60 -24.65
N ARG A 16 0.14 19.84 -24.21
CA ARG A 16 1.26 20.49 -23.55
C ARG A 16 0.75 21.25 -22.35
N GLY A 17 1.66 21.88 -21.61
CA GLY A 17 1.26 22.71 -20.49
C GLY A 17 1.84 22.33 -19.13
N PHE A 18 2.48 21.17 -19.00
CA PHE A 18 3.05 20.76 -17.73
C PHE A 18 4.40 20.08 -17.92
N PHE A 19 5.46 20.88 -17.94
CA PHE A 19 6.83 20.37 -18.11
C PHE A 19 6.99 19.56 -19.39
N GLY A 20 6.31 19.97 -20.46
CA GLY A 20 6.44 19.32 -21.75
C GLY A 20 5.41 18.21 -21.95
N HIS A 21 4.61 17.99 -20.91
CA HIS A 21 3.56 16.99 -20.91
C HIS A 21 2.18 17.65 -20.98
N PRO A 22 1.13 16.86 -21.27
CA PRO A 22 -0.23 17.42 -21.23
C PRO A 22 -0.55 18.09 -19.92
N LYS A 23 -1.36 19.15 -19.98
CA LYS A 23 -1.77 19.88 -18.79
C LYS A 23 -2.53 18.98 -17.82
N GLY A 24 -3.16 17.93 -18.35
CA GLY A 24 -3.84 16.96 -17.52
C GLY A 24 -2.91 16.23 -16.56
N LEU A 25 -1.62 16.17 -16.88
CA LEU A 25 -0.66 15.57 -15.96
C LEU A 25 -0.56 16.45 -14.72
N PHE A 26 -0.68 17.77 -14.89
CA PHE A 26 -0.78 18.64 -13.72
C PHE A 26 -1.95 18.22 -12.86
N THR A 27 -3.12 18.10 -13.50
CA THR A 27 -4.35 17.74 -12.82
C THR A 27 -4.18 16.43 -12.03
N LEU A 28 -3.69 15.40 -12.72
CA LEU A 28 -3.58 14.08 -12.13
C LEU A 28 -2.48 14.00 -11.09
N PHE A 29 -1.35 14.66 -11.35
CA PHE A 29 -0.26 14.70 -10.39
C PHE A 29 -0.74 15.27 -9.07
N PHE A 30 -1.43 16.40 -9.10
CA PHE A 30 -1.80 17.05 -7.86
C PHE A 30 -2.97 16.37 -7.15
N THR A 31 -3.85 15.73 -7.92
CA THR A 31 -4.93 14.97 -7.30
C THR A 31 -4.37 13.81 -6.50
N GLU A 32 -3.40 13.14 -7.11
CA GLU A 32 -2.74 11.98 -6.53
C GLU A 32 -1.83 12.40 -5.38
N PHE A 33 -1.07 13.46 -5.58
CA PHE A 33 -0.21 13.97 -4.50
C PHE A 33 -1.02 14.28 -3.24
N TRP A 34 -2.15 14.98 -3.40
CA TRP A 34 -2.95 15.37 -2.25
C TRP A 34 -3.67 14.18 -1.63
N GLU A 35 -4.13 13.24 -2.45
CA GLU A 35 -4.71 12.02 -1.89
C GLU A 35 -3.65 11.26 -1.07
N ARG A 36 -2.44 11.14 -1.62
CA ARG A 36 -1.36 10.43 -0.91
C ARG A 36 -0.91 11.18 0.36
N PHE A 37 -0.77 12.49 0.22
CA PHE A 37 -0.45 13.36 1.36
C PHE A 37 -1.46 13.10 2.49
N SER A 38 -2.74 13.11 2.16
CA SER A 38 -3.75 12.96 3.21
CA SER A 38 -3.78 12.95 3.19
C SER A 38 -3.74 11.57 3.82
N TYR A 39 -3.52 10.56 2.97
CA TYR A 39 -3.49 9.19 3.42
C TYR A 39 -2.28 8.97 4.34
N TYR A 40 -1.09 9.36 3.89
CA TYR A 40 0.11 9.22 4.71
C TYR A 40 0.15 10.14 5.93
N GLY A 41 -0.45 11.32 5.83
CA GLY A 41 -0.51 12.20 6.99
C GLY A 41 -1.40 11.60 8.07
N MET A 42 -2.54 11.10 7.63
CA MET A 42 -3.47 10.43 8.52
C MET A 42 -2.80 9.23 9.19
N ARG A 43 -2.21 8.36 8.37
CA ARG A 43 -1.51 7.17 8.87
C ARG A 43 -0.42 7.50 9.89
N ALA A 44 0.30 8.60 9.66
CA ALA A 44 1.43 8.95 10.51
C ALA A 44 1.01 9.23 11.96
N ILE A 45 -0.25 9.63 12.15
CA ILE A 45 -0.70 9.91 13.51
C ILE A 45 -1.79 8.95 14.02
N LEU A 46 -2.38 8.19 13.10
CA LEU A 46 -3.53 7.36 13.47
C LEU A 46 -3.22 6.34 14.54
N VAL A 47 -2.04 5.72 14.46
CA VAL A 47 -1.68 4.71 15.44
C VAL A 47 -1.59 5.30 16.85
N TYR A 48 -0.97 6.48 16.97
CA TYR A 48 -0.89 7.15 18.26
C TYR A 48 -2.28 7.62 18.73
N TYR A 49 -3.07 8.14 17.80
CA TYR A 49 -4.42 8.58 18.15
C TYR A 49 -5.20 7.42 18.77
N MET A 50 -4.99 6.20 18.25
CA MET A 50 -5.75 5.07 18.76
C MET A 50 -5.34 4.71 20.20
N TYR A 51 -4.05 4.63 20.46
CA TYR A 51 -3.63 4.16 21.78
C TYR A 51 -3.28 5.22 22.83
N TYR A 52 -3.09 6.48 22.42
CA TYR A 52 -2.85 7.55 23.38
C TYR A 52 -4.01 7.67 24.38
N GLU A 53 -3.71 8.06 25.62
CA GLU A 53 -4.71 8.26 26.66
C GLU A 53 -5.78 9.26 26.22
N VAL A 54 -7.01 9.03 26.68
CA VAL A 54 -8.11 9.94 26.38
C VAL A 54 -7.77 11.36 26.79
N SER A 55 -7.09 11.51 27.93
CA SER A 55 -6.73 12.84 28.43
C SER A 55 -5.63 13.47 27.60
N LYS A 56 -5.05 12.68 26.69
CA LYS A 56 -4.01 13.17 25.79
C LYS A 56 -4.56 13.35 24.39
N GLY A 57 -5.87 13.32 24.26
CA GLY A 57 -6.51 13.50 22.97
C GLY A 57 -6.69 12.22 22.17
N GLY A 58 -6.24 11.10 22.72
CA GLY A 58 -6.36 9.83 22.01
C GLY A 58 -7.66 9.08 22.31
N LEU A 59 -7.78 7.89 21.71
CA LEU A 59 -8.97 7.05 21.87
C LEU A 59 -8.88 6.13 23.08
N GLY A 60 -7.66 5.87 23.53
CA GLY A 60 -7.42 5.06 24.71
C GLY A 60 -7.54 3.56 24.50
N LEU A 61 -7.39 3.11 23.27
CA LEU A 61 -7.36 1.67 23.00
C LEU A 61 -6.05 1.10 23.50
N ASP A 62 -6.02 -0.22 23.69
CA ASP A 62 -4.82 -0.94 24.04
C ASP A 62 -3.85 -0.86 22.87
N GLU A 63 -2.55 -0.88 23.14
CA GLU A 63 -1.57 -0.74 22.06
C GLU A 63 -1.69 -1.86 21.05
N HIS A 64 -1.94 -3.07 21.54
CA HIS A 64 -2.02 -4.23 20.65
C HIS A 64 -3.17 -4.12 19.65
N LEU A 65 -4.34 -3.76 20.16
CA LEU A 65 -5.51 -3.54 19.31
C LEU A 65 -5.27 -2.43 18.28
N ALA A 66 -4.68 -1.32 18.71
CA ALA A 66 -4.36 -0.22 17.80
C ALA A 66 -3.42 -0.70 16.72
N LEU A 67 -2.38 -1.42 17.12
CA LEU A 67 -1.38 -1.92 16.17
C LEU A 67 -1.98 -2.89 15.16
N ALA A 68 -2.88 -3.74 15.64
CA ALA A 68 -3.55 -4.72 14.77
C ALA A 68 -4.46 -4.02 13.76
N ILE A 69 -5.20 -3.01 14.21
CA ILE A 69 -6.04 -2.21 13.32
C ILE A 69 -5.22 -1.48 12.25
N MET A 70 -4.13 -0.82 12.64
CA MET A 70 -3.20 -0.19 11.69
C MET A 70 -2.74 -1.22 10.68
N SER A 71 -2.42 -2.41 11.19
CA SER A 71 -1.87 -3.46 10.35
C SER A 71 -2.82 -3.86 9.22
N ILE A 72 -4.10 -4.09 9.53
CA ILE A 72 -4.99 -4.58 8.48
C ILE A 72 -5.43 -3.52 7.49
N TYR A 73 -5.22 -2.24 7.83
CA TYR A 73 -5.71 -1.12 7.03
C TYR A 73 -5.34 -1.29 5.55
N GLY A 74 -4.06 -1.51 5.27
CA GLY A 74 -3.60 -1.62 3.90
C GLY A 74 -4.12 -2.87 3.20
N ALA A 75 -4.31 -3.95 3.95
CA ALA A 75 -4.92 -5.15 3.37
C ALA A 75 -6.36 -4.86 2.92
N LEU A 76 -7.10 -4.09 3.71
CA LEU A 76 -8.48 -3.73 3.35
C LEU A 76 -8.50 -2.87 2.10
N VAL A 77 -7.58 -1.94 2.02
CA VAL A 77 -7.47 -1.06 0.86
C VAL A 77 -7.25 -1.88 -0.41
N TYR A 78 -6.41 -2.91 -0.28
CA TYR A 78 -6.15 -3.81 -1.39
C TYR A 78 -7.41 -4.51 -1.91
N MET A 79 -8.17 -5.12 -1.00
CA MET A 79 -9.42 -5.80 -1.34
C MET A 79 -10.42 -4.82 -1.98
N SER A 80 -10.47 -3.62 -1.41
CA SER A 80 -11.36 -2.58 -1.91
C SER A 80 -10.99 -2.19 -3.33
N GLY A 81 -9.68 -2.13 -3.59
CA GLY A 81 -9.16 -1.74 -4.89
C GLY A 81 -9.48 -2.76 -5.97
N ILE A 82 -9.58 -4.03 -5.57
CA ILE A 82 -10.01 -5.05 -6.52
C ILE A 82 -11.42 -4.72 -6.99
N ILE A 83 -12.30 -4.42 -6.04
CA ILE A 83 -13.68 -4.07 -6.36
C ILE A 83 -13.76 -2.76 -7.14
N GLY A 84 -12.98 -1.78 -6.71
CA GLY A 84 -12.94 -0.46 -7.34
C GLY A 84 -12.44 -0.45 -8.78
N GLY A 85 -11.45 -1.28 -9.08
CA GLY A 85 -11.00 -1.47 -10.46
C GLY A 85 -12.07 -2.06 -11.36
N TRP A 86 -12.78 -3.07 -10.85
CA TRP A 86 -13.93 -3.64 -11.55
C TRP A 86 -15.08 -2.63 -11.75
N LEU A 87 -15.39 -1.86 -10.72
CA LEU A 87 -16.44 -0.84 -10.80
C LEU A 87 -16.14 0.22 -11.85
N ALA A 88 -14.88 0.66 -11.93
CA ALA A 88 -14.52 1.64 -12.94
C ALA A 88 -14.63 1.00 -14.32
N ASP A 89 -14.08 -0.19 -14.45
CA ASP A 89 -14.04 -0.87 -15.73
C ASP A 89 -15.42 -1.17 -16.28
N ARG A 90 -16.37 -1.50 -15.40
CA ARG A 90 -17.66 -2.02 -15.89
C ARG A 90 -18.86 -1.13 -15.61
N VAL A 91 -18.69 -0.10 -14.79
CA VAL A 91 -19.83 0.70 -14.33
C VAL A 91 -19.63 2.21 -14.43
N PHE A 92 -18.54 2.72 -13.84
CA PHE A 92 -18.33 4.16 -13.70
C PHE A 92 -17.41 4.79 -14.74
N GLY A 93 -16.43 4.03 -15.21
CA GLY A 93 -15.29 4.62 -15.89
C GLY A 93 -14.37 5.19 -14.82
N THR A 94 -13.14 5.49 -15.18
CA THR A 94 -12.12 5.82 -14.20
C THR A 94 -12.24 7.24 -13.64
N SER A 95 -12.67 8.19 -14.47
CA SER A 95 -12.77 9.57 -14.03
C SER A 95 -13.84 9.73 -12.93
N ARG A 96 -15.00 9.12 -13.14
CA ARG A 96 -16.03 9.12 -12.12
C ARG A 96 -15.61 8.31 -10.88
N ALA A 97 -14.87 7.22 -11.08
CA ALA A 97 -14.38 6.46 -9.90
C ALA A 97 -13.48 7.34 -9.04
N VAL A 98 -12.62 8.13 -9.69
CA VAL A 98 -11.71 9.01 -8.96
C VAL A 98 -12.46 10.10 -8.19
N PHE A 99 -13.49 10.66 -8.83
CA PHE A 99 -14.33 11.68 -8.21
C PHE A 99 -15.07 11.15 -6.99
N TYR A 100 -15.84 10.08 -7.17
CA TYR A 100 -16.60 9.51 -6.04
C TYR A 100 -15.67 9.02 -4.94
N GLY A 101 -14.59 8.35 -5.34
CA GLY A 101 -13.59 7.91 -4.40
C GLY A 101 -13.03 9.05 -3.58
N GLY A 102 -12.66 10.15 -4.24
CA GLY A 102 -12.13 11.31 -3.54
C GLY A 102 -13.11 11.88 -2.52
N LEU A 103 -14.39 11.89 -2.90
CA LEU A 103 -15.45 12.35 -2.01
C LEU A 103 -15.54 11.51 -0.72
N LEU A 104 -15.49 10.19 -0.86
CA LEU A 104 -15.54 9.28 0.28
C LEU A 104 -14.32 9.43 1.17
N ILE A 105 -13.16 9.58 0.55
CA ILE A 105 -11.89 9.72 1.28
C ILE A 105 -11.95 11.00 2.10
N MET A 106 -12.40 12.08 1.48
CA MET A 106 -12.51 13.36 2.17
C MET A 106 -13.44 13.24 3.37
N ALA A 107 -14.58 12.58 3.17
CA ALA A 107 -15.55 12.36 4.25
C ALA A 107 -14.91 11.58 5.40
N GLY A 108 -14.09 10.61 5.05
CA GLY A 108 -13.39 9.80 6.02
C GLY A 108 -12.46 10.62 6.90
N HIS A 109 -11.75 11.56 6.29
CA HIS A 109 -10.84 12.43 7.05
C HIS A 109 -11.62 13.39 7.95
N ILE A 110 -12.74 13.89 7.43
CA ILE A 110 -13.63 14.77 8.18
C ILE A 110 -14.14 14.06 9.42
N ALA A 111 -14.46 12.78 9.28
CA ALA A 111 -14.95 11.99 10.42
C ALA A 111 -13.95 11.92 11.60
N LEU A 112 -12.65 12.07 11.32
CA LEU A 112 -11.63 12.09 12.37
C LEU A 112 -11.32 13.52 12.84
N ALA A 113 -11.59 14.49 11.98
CA ALA A 113 -11.29 15.88 12.31
C ALA A 113 -12.30 16.47 13.30
N ILE A 114 -13.52 15.95 13.27
CA ILE A 114 -14.53 16.43 14.20
C ILE A 114 -14.37 15.71 15.54
N PRO A 115 -14.81 16.33 16.64
CA PRO A 115 -14.78 15.67 17.94
C PRO A 115 -15.55 14.36 17.88
N GLY A 116 -14.95 13.28 18.37
CA GLY A 116 -15.58 11.97 18.30
C GLY A 116 -14.67 10.94 18.94
N GLY A 117 -15.05 9.67 18.82
CA GLY A 117 -14.29 8.63 19.48
C GLY A 117 -14.12 7.39 18.63
N VAL A 118 -14.35 6.23 19.23
CA VAL A 118 -14.09 4.96 18.54
C VAL A 118 -15.04 4.66 17.39
N ALA A 119 -16.32 5.03 17.53
CA ALA A 119 -17.26 4.82 16.42
C ALA A 119 -16.83 5.62 15.18
N ALA A 120 -16.29 6.81 15.42
CA ALA A 120 -15.86 7.68 14.33
C ALA A 120 -14.65 7.08 13.63
N LEU A 121 -13.82 6.38 14.39
CA LEU A 121 -12.66 5.69 13.81
C LEU A 121 -13.14 4.63 12.83
N PHE A 122 -14.09 3.80 13.26
CA PHE A 122 -14.71 2.80 12.40
C PHE A 122 -15.28 3.42 11.10
N VAL A 123 -16.08 4.49 11.24
CA VAL A 123 -16.67 5.15 10.09
C VAL A 123 -15.61 5.73 9.14
N SER A 124 -14.61 6.37 9.72
CA SER A 124 -13.50 6.93 8.95
C SER A 124 -12.79 5.86 8.12
N MET A 125 -12.44 4.75 8.75
CA MET A 125 -11.80 3.65 8.04
C MET A 125 -12.70 3.08 6.93
N ALA A 126 -13.98 2.90 7.23
CA ALA A 126 -14.92 2.43 6.21
C ALA A 126 -14.93 3.35 4.98
N LEU A 127 -15.06 4.65 5.20
CA LEU A 127 -15.10 5.61 4.10
C LEU A 127 -13.79 5.69 3.34
N ILE A 128 -12.67 5.73 4.05
CA ILE A 128 -11.36 5.76 3.38
C ILE A 128 -11.05 4.43 2.63
N VAL A 129 -11.42 3.29 3.21
CA VAL A 129 -11.21 2.02 2.50
C VAL A 129 -12.00 1.99 1.19
N LEU A 130 -13.29 2.29 1.28
CA LEU A 130 -14.16 2.35 0.10
C LEU A 130 -13.67 3.35 -0.95
N GLY A 131 -13.40 4.58 -0.49
CA GLY A 131 -12.96 5.64 -1.36
C GLY A 131 -11.63 5.38 -2.03
N THR A 132 -10.64 4.92 -1.26
CA THR A 132 -9.32 4.64 -1.78
C THR A 132 -9.35 3.49 -2.81
N GLY A 133 -10.22 2.52 -2.57
CA GLY A 133 -10.46 1.45 -3.54
C GLY A 133 -10.95 1.94 -4.88
N LEU A 134 -11.71 3.04 -4.90
CA LEU A 134 -12.21 3.58 -6.16
C LEU A 134 -11.21 4.50 -6.84
N LEU A 135 -10.45 5.24 -6.04
CA LEU A 135 -9.55 6.24 -6.58
C LEU A 135 -8.19 5.61 -6.92
N LYS A 136 -7.62 4.88 -5.99
CA LYS A 136 -6.23 4.45 -6.12
C LYS A 136 -5.88 3.59 -7.36
N PRO A 137 -6.65 2.52 -7.63
CA PRO A 137 -6.20 1.73 -8.78
C PRO A 137 -6.66 2.27 -10.13
N ASN A 138 -7.34 3.41 -10.16
CA ASN A 138 -7.95 3.92 -11.37
C ASN A 138 -7.36 5.22 -11.87
N VAL A 139 -6.79 6.00 -10.96
CA VAL A 139 -6.25 7.30 -11.32
C VAL A 139 -5.14 7.17 -12.39
N SER A 140 -4.31 6.12 -12.32
CA SER A 140 -3.26 5.93 -13.34
C SER A 140 -3.75 5.66 -14.76
N SER A 141 -4.95 5.07 -14.89
CA SER A 141 -5.50 4.79 -16.21
C SER A 141 -5.88 6.08 -16.91
N ILE A 142 -6.14 7.12 -16.13
CA ILE A 142 -6.45 8.41 -16.72
C ILE A 142 -5.18 9.03 -17.31
N VAL A 143 -4.04 8.87 -16.63
CA VAL A 143 -2.82 9.43 -17.20
C VAL A 143 -2.45 8.77 -18.54
N GLY A 144 -2.59 7.45 -18.62
CA GLY A 144 -2.36 6.73 -19.86
C GLY A 144 -3.22 7.23 -21.02
N ASP A 145 -4.47 7.60 -20.72
CA ASP A 145 -5.41 8.02 -21.77
C ASP A 145 -4.99 9.33 -22.43
N MET A 146 -4.14 10.10 -21.74
CA MET A 146 -3.67 11.39 -22.25
C MET A 146 -2.70 11.27 -23.42
N TYR A 147 -1.96 10.17 -23.47
CA TYR A 147 -0.95 9.98 -24.52
C TYR A 147 -1.45 9.02 -25.59
N LYS A 148 -1.51 9.51 -26.83
CA LYS A 148 -1.90 8.69 -27.96
C LYS A 148 -0.95 7.51 -28.11
N PRO A 149 -1.39 6.42 -28.76
CA PRO A 149 -0.48 5.30 -29.04
C PRO A 149 0.77 5.80 -29.78
N GLY A 150 1.95 5.42 -29.28
CA GLY A 150 3.19 5.79 -29.93
C GLY A 150 3.84 7.03 -29.32
N ASP A 151 3.12 7.70 -28.44
CA ASP A 151 3.64 8.91 -27.82
C ASP A 151 4.79 8.54 -26.87
N ASP A 152 6.00 8.97 -27.23
CA ASP A 152 7.16 8.54 -26.45
C ASP A 152 7.36 9.28 -25.12
N ARG A 153 6.39 10.08 -24.69
CA ARG A 153 6.49 10.74 -23.39
CA ARG A 153 6.45 10.76 -23.40
C ARG A 153 5.78 9.91 -22.33
N ARG A 154 5.07 8.88 -22.77
CA ARG A 154 4.24 8.06 -21.90
C ARG A 154 4.97 7.60 -20.63
N ASP A 155 6.08 6.89 -20.79
CA ASP A 155 6.80 6.39 -19.62
C ASP A 155 7.22 7.51 -18.67
N ALA A 156 7.76 8.59 -19.22
CA ALA A 156 8.19 9.72 -18.41
C ALA A 156 7.03 10.35 -17.65
N GLY A 157 5.86 10.38 -18.29
CA GLY A 157 4.68 10.96 -17.67
C GLY A 157 4.25 10.17 -16.46
N PHE A 158 4.27 8.83 -16.59
CA PHE A 158 3.97 7.95 -15.47
C PHE A 158 4.99 8.15 -14.35
N SER A 159 6.25 8.34 -14.74
CA SER A 159 7.32 8.56 -13.77
C SER A 159 7.12 9.84 -12.95
N ILE A 160 6.80 10.94 -13.64
CA ILE A 160 6.46 12.19 -12.99
C ILE A 160 5.25 11.98 -12.07
N PHE A 161 4.20 11.36 -12.62
CA PHE A 161 3.00 11.06 -11.85
C PHE A 161 3.26 10.33 -10.53
N TYR A 162 4.00 9.22 -10.59
CA TYR A 162 4.24 8.40 -9.41
C TYR A 162 5.19 9.06 -8.40
N MET A 163 5.98 10.03 -8.87
CA MET A 163 6.85 10.80 -7.98
C MET A 163 6.04 11.52 -6.91
N GLY A 164 4.78 11.82 -7.21
CA GLY A 164 3.88 12.42 -6.25
C GLY A 164 3.59 11.56 -5.05
N ILE A 165 3.69 10.25 -5.21
CA ILE A 165 3.46 9.33 -4.09
C ILE A 165 4.50 9.56 -2.99
N ASN A 166 5.77 9.40 -3.32
CA ASN A 166 6.81 9.58 -2.32
C ASN A 166 6.92 11.01 -1.80
N LEU A 167 6.52 11.97 -2.63
CA LEU A 167 6.52 13.35 -2.19
C LEU A 167 5.46 13.55 -1.12
N GLY A 168 4.29 12.98 -1.36
CA GLY A 168 3.21 13.02 -0.38
C GLY A 168 3.60 12.27 0.87
N ALA A 169 4.18 11.10 0.67
CA ALA A 169 4.58 10.25 1.79
C ALA A 169 5.65 10.94 2.63
N PHE A 170 6.48 11.76 1.98
CA PHE A 170 7.57 12.43 2.70
C PHE A 170 7.11 13.66 3.46
N LEU A 171 6.32 14.51 2.80
CA LEU A 171 5.91 15.78 3.42
C LEU A 171 4.80 15.62 4.47
N ALA A 172 3.90 14.68 4.26
CA ALA A 172 2.73 14.56 5.16
C ALA A 172 3.03 14.36 6.65
N PRO A 173 3.93 13.40 7.00
CA PRO A 173 4.24 13.25 8.43
C PRO A 173 4.87 14.50 9.04
N LEU A 174 5.63 15.25 8.25
CA LEU A 174 6.24 16.49 8.76
C LEU A 174 5.20 17.60 8.95
N VAL A 175 4.15 17.58 8.15
CA VAL A 175 3.15 18.62 8.26
C VAL A 175 2.02 18.17 9.18
N VAL A 176 1.35 17.11 8.78
CA VAL A 176 0.23 16.59 9.53
C VAL A 176 0.70 16.00 10.85
N GLY A 177 1.85 15.33 10.83
CA GLY A 177 2.39 14.76 12.05
C GLY A 177 2.79 15.82 13.05
N THR A 178 3.33 16.94 12.58
CA THR A 178 3.67 18.04 13.48
C THR A 178 2.41 18.62 14.12
N ALA A 179 1.44 18.94 13.29
CA ALA A 179 0.18 19.49 13.75
C ALA A 179 -0.54 18.55 14.73
N GLY A 180 -0.68 17.29 14.34
CA GLY A 180 -1.45 16.33 15.12
C GLY A 180 -0.80 16.00 16.45
N MET A 181 0.51 15.82 16.43
CA MET A 181 1.24 15.45 17.66
C MET A 181 1.57 16.64 18.55
N LYS A 182 2.01 17.75 17.96
CA LYS A 182 2.49 18.87 18.77
C LYS A 182 1.36 19.76 19.27
N TYR A 183 0.23 19.73 18.58
CA TYR A 183 -0.86 20.64 18.91
C TYR A 183 -2.16 19.92 19.25
N ASN A 184 -2.70 19.13 18.31
CA ASN A 184 -3.99 18.50 18.53
C ASN A 184 -4.28 17.46 17.45
N PHE A 185 -4.69 16.25 17.82
CA PHE A 185 -4.94 15.20 16.83
C PHE A 185 -5.94 15.64 15.77
N HIS A 186 -7.07 16.19 16.22
CA HIS A 186 -8.12 16.60 15.26
C HIS A 186 -7.65 17.64 14.26
N LEU A 187 -6.78 18.54 14.72
CA LEU A 187 -6.15 19.48 13.80
C LEU A 187 -5.36 18.73 12.74
N GLY A 188 -4.59 17.74 13.15
CA GLY A 188 -3.84 16.91 12.23
C GLY A 188 -4.76 16.26 11.20
N PHE A 189 -5.79 15.58 11.67
CA PHE A 189 -6.72 14.93 10.75
C PHE A 189 -7.44 15.97 9.87
N GLY A 190 -7.66 17.16 10.43
CA GLY A 190 -8.33 18.22 9.68
C GLY A 190 -7.49 18.67 8.49
N LEU A 191 -6.19 18.75 8.70
CA LEU A 191 -5.27 19.14 7.62
C LEU A 191 -5.24 18.06 6.53
N ALA A 192 -5.33 16.80 6.92
CA ALA A 192 -5.46 15.73 5.93
C ALA A 192 -6.73 15.90 5.10
N ALA A 193 -7.84 16.26 5.75
CA ALA A 193 -9.09 16.53 5.05
C ALA A 193 -8.99 17.68 4.06
N VAL A 194 -8.34 18.76 4.48
CA VAL A 194 -8.16 19.94 3.63
C VAL A 194 -7.27 19.55 2.44
N GLY A 195 -6.26 18.73 2.69
CA GLY A 195 -5.42 18.20 1.62
C GLY A 195 -6.21 17.48 0.56
N MET A 196 -7.05 16.52 0.96
CA MET A 196 -7.91 15.80 0.02
C MET A 196 -8.87 16.75 -0.68
N PHE A 197 -9.36 17.74 0.04
CA PHE A 197 -10.25 18.75 -0.52
C PHE A 197 -9.55 19.49 -1.65
N LEU A 198 -8.29 19.84 -1.45
CA LEU A 198 -7.54 20.57 -2.47
C LEU A 198 -7.40 19.71 -3.71
N GLY A 199 -7.16 18.42 -3.47
CA GLY A 199 -7.07 17.45 -4.55
C GLY A 199 -8.36 17.43 -5.34
N LEU A 200 -9.48 17.29 -4.65
CA LEU A 200 -10.79 17.26 -5.30
C LEU A 200 -11.04 18.53 -6.10
N VAL A 201 -10.70 19.68 -5.50
CA VAL A 201 -10.93 20.95 -6.16
C VAL A 201 -10.22 21.07 -7.50
N VAL A 202 -8.93 20.73 -7.53
CA VAL A 202 -8.14 20.82 -8.75
C VAL A 202 -8.67 19.83 -9.78
N PHE A 203 -9.02 18.62 -9.33
CA PHE A 203 -9.63 17.62 -10.20
C PHE A 203 -10.94 18.15 -10.80
N VAL A 204 -11.91 18.51 -9.97
CA VAL A 204 -13.20 18.99 -10.45
C VAL A 204 -13.07 20.24 -11.35
N ALA A 205 -12.26 21.20 -10.92
CA ALA A 205 -12.17 22.48 -11.62
C ALA A 205 -11.50 22.36 -12.98
N THR A 206 -10.61 21.39 -13.14
CA THR A 206 -9.78 21.38 -14.33
C THR A 206 -9.95 20.15 -15.21
N ARG A 207 -10.65 19.12 -14.72
CA ARG A 207 -10.72 17.87 -15.46
C ARG A 207 -11.39 18.01 -16.84
N LYS A 208 -12.36 18.91 -16.96
CA LYS A 208 -13.09 19.03 -18.23
C LYS A 208 -12.19 19.53 -19.37
N LYS A 209 -11.50 20.64 -19.13
CA LYS A 209 -10.59 21.19 -20.14
C LYS A 209 -9.31 20.37 -20.31
N ASN A 210 -8.69 19.99 -19.20
CA ASN A 210 -7.38 19.33 -19.24
C ASN A 210 -7.43 17.87 -19.64
N LEU A 211 -8.54 17.19 -19.31
CA LEU A 211 -8.59 15.74 -19.47
C LEU A 211 -9.53 15.27 -20.58
N GLY A 212 -10.43 16.14 -21.01
CA GLY A 212 -11.32 15.85 -22.12
C GLY A 212 -12.08 14.54 -21.95
N LEU A 213 -11.91 13.62 -22.89
CA LEU A 213 -12.62 12.34 -22.85
C LEU A 213 -12.00 11.33 -21.91
N ALA A 214 -10.77 11.58 -21.46
CA ALA A 214 -9.98 10.58 -20.73
C ALA A 214 -10.71 10.06 -19.50
N GLY A 215 -10.86 8.74 -19.43
CA GLY A 215 -11.53 8.13 -18.31
C GLY A 215 -13.00 8.48 -18.15
N THR A 216 -13.61 9.11 -19.17
CA THR A 216 -15.01 9.53 -19.01
C THR A 216 -16.01 8.49 -19.56
N TYR A 217 -15.48 7.40 -20.09
CA TYR A 217 -16.28 6.38 -20.77
C TYR A 217 -16.21 5.08 -19.96
N VAL A 218 -17.18 4.20 -20.14
CA VAL A 218 -17.11 2.88 -19.52
C VAL A 218 -16.51 1.91 -20.53
N PRO A 219 -15.26 1.47 -20.28
CA PRO A 219 -14.54 0.62 -21.24
C PRO A 219 -15.21 -0.73 -21.47
N ASN A 220 -15.82 -1.29 -20.43
CA ASN A 220 -16.37 -2.64 -20.50
C ASN A 220 -17.77 -2.68 -19.91
N PRO A 221 -18.73 -1.97 -20.54
CA PRO A 221 -20.04 -1.79 -19.94
C PRO A 221 -20.83 -3.10 -19.81
N LEU A 222 -21.73 -3.13 -18.84
CA LEU A 222 -22.57 -4.30 -18.62
C LEU A 222 -23.78 -4.27 -19.54
N THR A 223 -24.12 -5.43 -20.11
CA THR A 223 -25.36 -5.59 -20.83
C THR A 223 -26.48 -5.55 -19.80
N PRO A 224 -27.72 -5.29 -20.24
CA PRO A 224 -28.86 -5.32 -19.33
C PRO A 224 -28.93 -6.61 -18.54
N ALA A 225 -28.68 -7.73 -19.21
CA ALA A 225 -28.60 -9.02 -18.53
C ALA A 225 -27.41 -9.05 -17.57
N GLU A 226 -26.29 -8.49 -17.99
CA GLU A 226 -25.11 -8.46 -17.13
C GLU A 226 -25.35 -7.62 -15.89
N LYS A 227 -26.02 -6.48 -16.07
CA LYS A 227 -26.34 -5.59 -14.96
C LYS A 227 -27.26 -6.27 -13.96
N LYS A 228 -28.16 -7.10 -14.47
CA LYS A 228 -29.05 -7.89 -13.63
C LYS A 228 -28.27 -9.03 -12.99
N LYS A 229 -27.33 -9.59 -13.73
CA LYS A 229 -26.45 -10.64 -13.20
C LYS A 229 -25.55 -10.08 -12.11
N ALA A 230 -24.95 -8.91 -12.36
CA ALA A 230 -24.10 -8.28 -11.34
C ALA A 230 -24.92 -7.85 -10.13
N ALA A 231 -26.19 -7.51 -10.35
CA ALA A 231 -27.08 -7.16 -9.25
C ALA A 231 -27.39 -8.39 -8.40
N ALA A 232 -27.54 -9.53 -9.06
CA ALA A 232 -27.80 -10.79 -8.39
C ALA A 232 -26.62 -11.22 -7.53
N ILE A 233 -25.41 -11.07 -8.06
CA ILE A 233 -24.20 -11.39 -7.32
C ILE A 233 -24.05 -10.53 -6.06
N MET A 234 -24.46 -9.27 -6.17
CA MET A 234 -24.45 -8.37 -5.01
C MET A 234 -25.43 -8.84 -3.94
N ALA A 235 -26.55 -9.42 -4.40
CA ALA A 235 -27.53 -9.99 -3.50
C ALA A 235 -27.01 -11.26 -2.84
N VAL A 236 -26.22 -12.04 -3.57
CA VAL A 236 -25.54 -13.22 -3.02
C VAL A 236 -24.58 -12.80 -1.92
N GLY A 237 -23.83 -11.74 -2.17
CA GLY A 237 -22.92 -11.19 -1.18
C GLY A 237 -23.68 -10.64 0.00
N ALA A 238 -24.87 -10.11 -0.25
CA ALA A 238 -25.74 -9.57 0.78
C ALA A 238 -26.34 -10.68 1.65
N VAL A 239 -26.59 -11.84 1.04
CA VAL A 239 -27.06 -13.01 1.79
C VAL A 239 -25.95 -13.58 2.67
N VAL A 240 -24.73 -13.60 2.13
CA VAL A 240 -23.58 -14.11 2.85
C VAL A 240 -23.28 -13.29 4.11
N ILE A 241 -23.37 -11.96 4.00
CA ILE A 241 -23.15 -11.11 5.17
C ILE A 241 -24.32 -11.24 6.15
N ALA A 242 -25.54 -11.33 5.61
CA ALA A 242 -26.72 -11.53 6.44
C ALA A 242 -26.61 -12.80 7.28
N VAL A 243 -26.26 -13.91 6.63
CA VAL A 243 -26.23 -15.19 7.32
C VAL A 243 -25.12 -15.20 8.36
N LEU A 244 -24.07 -14.43 8.12
CA LEU A 244 -22.97 -14.32 9.08
C LEU A 244 -23.45 -13.62 10.33
N LEU A 245 -24.17 -12.52 10.15
CA LEU A 245 -24.68 -11.73 11.26
C LEU A 245 -25.57 -12.57 12.18
N ALA A 246 -26.48 -13.34 11.59
CA ALA A 246 -27.39 -14.20 12.34
C ALA A 246 -26.65 -15.26 13.17
N ILE A 247 -25.44 -15.59 12.75
CA ILE A 247 -24.64 -16.57 13.48
C ILE A 247 -23.70 -15.87 14.48
N LEU A 248 -23.12 -14.75 14.04
CA LEU A 248 -22.06 -14.09 14.81
C LEU A 248 -22.58 -13.25 15.96
N ILE A 249 -23.59 -12.42 15.67
CA ILE A 249 -24.16 -11.52 16.67
C ILE A 249 -24.72 -12.22 17.93
N PRO A 250 -25.67 -13.18 17.78
CA PRO A 250 -26.27 -13.78 18.98
C PRO A 250 -25.26 -14.53 19.85
N ASN A 251 -24.10 -14.85 19.28
CA ASN A 251 -23.07 -15.58 19.99
C ASN A 251 -21.96 -14.68 20.52
N GLY A 252 -22.10 -13.37 20.32
CA GLY A 252 -21.13 -12.41 20.81
C GLY A 252 -19.82 -12.42 20.06
N TRP A 253 -19.84 -12.98 18.84
CA TRP A 253 -18.64 -13.06 17.99
C TRP A 253 -18.54 -11.91 17.00
N PHE A 254 -19.51 -11.00 17.02
CA PHE A 254 -19.43 -9.89 16.07
C PHE A 254 -18.58 -8.75 16.65
N THR A 255 -17.25 -8.93 16.58
CA THR A 255 -16.29 -8.03 17.21
C THR A 255 -15.15 -7.65 16.26
N VAL A 256 -14.41 -6.60 16.62
CA VAL A 256 -13.25 -6.22 15.81
C VAL A 256 -12.17 -7.32 15.84
N GLU A 257 -12.08 -8.05 16.95
CA GLU A 257 -11.10 -9.12 17.08
C GLU A 257 -11.37 -10.28 16.11
N THR A 258 -12.65 -10.65 16.01
CA THR A 258 -13.07 -11.67 15.04
C THR A 258 -12.74 -11.23 13.62
N PHE A 259 -12.99 -9.95 13.33
CA PHE A 259 -12.73 -9.40 12.01
C PHE A 259 -11.26 -9.43 11.67
N ILE A 260 -10.43 -9.02 12.62
CA ILE A 260 -8.98 -9.04 12.42
C ILE A 260 -8.51 -10.46 12.15
N SER A 261 -9.04 -11.41 12.92
CA SER A 261 -8.65 -12.82 12.73
C SER A 261 -9.06 -13.33 11.35
N LEU A 262 -10.22 -12.88 10.89
CA LEU A 262 -10.74 -13.28 9.58
C LEU A 262 -9.86 -12.73 8.46
N VAL A 263 -9.40 -11.49 8.63
CA VAL A 263 -8.47 -10.90 7.68
C VAL A 263 -7.20 -11.74 7.60
N GLY A 264 -6.70 -12.17 8.75
CA GLY A 264 -5.53 -13.05 8.81
C GLY A 264 -5.73 -14.37 8.07
N ILE A 265 -6.85 -15.04 8.35
CA ILE A 265 -7.18 -16.29 7.67
C ILE A 265 -7.21 -16.10 6.16
N LEU A 266 -7.84 -15.02 5.70
CA LEU A 266 -7.91 -14.71 4.27
C LEU A 266 -6.53 -14.41 3.69
N GLY A 267 -5.65 -13.83 4.51
CA GLY A 267 -4.28 -13.55 4.10
C GLY A 267 -3.54 -14.80 3.69
N ILE A 268 -3.91 -15.93 4.30
CA ILE A 268 -3.28 -17.21 4.00
C ILE A 268 -4.05 -17.97 2.91
N ILE A 269 -5.37 -18.01 3.06
CA ILE A 269 -6.22 -18.85 2.19
C ILE A 269 -6.35 -18.32 0.77
N ILE A 270 -6.48 -17.01 0.64
CA ILE A 270 -6.63 -16.42 -0.69
C ILE A 270 -5.42 -16.65 -1.61
N PRO A 271 -4.20 -16.41 -1.11
CA PRO A 271 -3.07 -16.77 -1.98
C PRO A 271 -3.03 -18.26 -2.35
N ILE A 272 -3.29 -19.14 -1.39
CA ILE A 272 -3.27 -20.57 -1.68
C ILE A 272 -4.25 -20.92 -2.79
N ILE A 273 -5.48 -20.45 -2.64
CA ILE A 273 -6.53 -20.74 -3.61
C ILE A 273 -6.17 -20.25 -5.01
N TYR A 274 -5.62 -19.04 -5.08
CA TYR A 274 -5.26 -18.45 -6.35
C TYR A 274 -4.14 -19.24 -7.06
N PHE A 275 -3.17 -19.71 -6.29
CA PHE A 275 -2.14 -20.56 -6.86
C PHE A 275 -2.70 -21.88 -7.40
N VAL A 276 -3.69 -22.45 -6.73
CA VAL A 276 -4.29 -23.69 -7.21
C VAL A 276 -5.09 -23.43 -8.49
N VAL A 277 -5.83 -22.32 -8.50
CA VAL A 277 -6.58 -21.91 -9.68
C VAL A 277 -5.66 -21.75 -10.89
N MET A 278 -4.50 -21.14 -10.69
CA MET A 278 -3.57 -20.92 -11.80
C MET A 278 -2.95 -22.23 -12.26
N TYR A 279 -2.58 -23.07 -11.29
CA TYR A 279 -1.87 -24.31 -11.58
C TYR A 279 -2.78 -25.31 -12.29
N ARG A 280 -4.03 -25.36 -11.86
CA ARG A 280 -4.98 -26.35 -12.35
C ARG A 280 -5.79 -25.86 -13.55
N SER A 281 -5.57 -24.61 -13.98
CA SER A 281 -6.34 -24.06 -15.09
C SER A 281 -6.14 -24.86 -16.40
N PRO A 282 -7.24 -25.18 -17.10
CA PRO A 282 -7.14 -25.86 -18.40
C PRO A 282 -6.62 -24.93 -19.50
N LYS A 283 -6.50 -23.64 -19.19
CA LYS A 283 -6.07 -22.66 -20.19
C LYS A 283 -4.58 -22.36 -20.11
N THR A 284 -3.84 -23.26 -19.46
CA THR A 284 -2.42 -23.08 -19.27
C THR A 284 -1.66 -24.20 -19.98
N THR A 285 -0.38 -23.97 -20.27
CA THR A 285 0.48 -25.02 -20.83
C THR A 285 1.28 -25.71 -19.71
N ALA A 286 1.94 -26.82 -20.03
CA ALA A 286 2.75 -27.52 -19.02
C ALA A 286 3.91 -26.65 -18.57
N GLU A 287 4.47 -25.91 -19.52
CA GLU A 287 5.57 -24.99 -19.24
C GLU A 287 5.12 -23.88 -18.29
N GLU A 288 3.92 -23.34 -18.53
CA GLU A 288 3.38 -22.34 -17.62
C GLU A 288 3.15 -22.88 -16.21
N ARG A 289 2.71 -24.13 -16.11
CA ARG A 289 2.47 -24.75 -14.80
C ARG A 289 3.77 -24.85 -13.98
N SER A 290 4.87 -25.22 -14.63
CA SER A 290 6.16 -25.25 -13.91
C SER A 290 6.54 -23.84 -13.43
N ARG A 291 6.23 -22.83 -14.24
CA ARG A 291 6.51 -21.45 -13.88
C ARG A 291 5.70 -20.95 -12.67
N VAL A 292 4.44 -21.39 -12.56
CA VAL A 292 3.62 -21.08 -11.40
C VAL A 292 4.26 -21.62 -10.11
N ILE A 293 4.76 -22.85 -10.18
CA ILE A 293 5.48 -23.45 -9.07
C ILE A 293 6.71 -22.62 -8.70
N ALA A 294 7.47 -22.22 -9.72
CA ALA A 294 8.66 -21.42 -9.55
C ALA A 294 8.35 -20.08 -8.90
N TYR A 295 7.15 -19.56 -9.14
CA TYR A 295 6.76 -18.28 -8.56
C TYR A 295 6.50 -18.38 -7.05
N ILE A 296 6.12 -19.57 -6.59
CA ILE A 296 5.77 -19.74 -5.17
C ILE A 296 6.81 -19.19 -4.19
N PRO A 297 8.10 -19.56 -4.36
CA PRO A 297 9.05 -19.01 -3.39
C PRO A 297 9.25 -17.51 -3.52
N LEU A 298 9.01 -16.97 -4.71
CA LEU A 298 9.09 -15.54 -4.92
C LEU A 298 7.94 -14.83 -4.21
N PHE A 299 6.75 -15.43 -4.28
CA PHE A 299 5.57 -14.85 -3.64
C PHE A 299 5.78 -14.85 -2.14
N VAL A 300 6.30 -15.96 -1.61
CA VAL A 300 6.56 -16.07 -0.18
C VAL A 300 7.62 -15.07 0.29
N ALA A 301 8.68 -14.91 -0.51
CA ALA A 301 9.77 -13.98 -0.18
C ALA A 301 9.25 -12.55 -0.18
N SER A 302 8.43 -12.22 -1.19
CA SER A 302 7.77 -10.92 -1.23
C SER A 302 6.91 -10.70 0.02
N ALA A 303 6.02 -11.65 0.33
CA ALA A 303 5.19 -11.52 1.52
C ALA A 303 6.03 -11.26 2.78
N MET A 304 7.08 -12.04 2.95
CA MET A 304 7.95 -11.89 4.12
C MET A 304 8.65 -10.54 4.11
N PHE A 305 9.09 -10.12 2.94
CA PHE A 305 9.73 -8.83 2.83
C PHE A 305 8.75 -7.70 3.20
N TRP A 306 7.58 -7.70 2.56
CA TRP A 306 6.58 -6.68 2.86
C TRP A 306 6.10 -6.73 4.31
N ALA A 307 6.11 -7.91 4.93
CA ALA A 307 5.74 -7.98 6.34
C ALA A 307 6.64 -7.06 7.15
N ILE A 308 7.95 -7.18 6.93
CA ILE A 308 8.90 -6.34 7.67
C ILE A 308 8.82 -4.87 7.28
N GLN A 309 8.79 -4.60 5.98
CA GLN A 309 8.75 -3.21 5.49
C GLN A 309 7.49 -2.49 5.99
N GLU A 310 6.35 -3.16 5.90
CA GLU A 310 5.08 -2.59 6.36
C GLU A 310 5.00 -2.40 7.88
N GLN A 311 5.81 -3.14 8.65
CA GLN A 311 5.83 -2.92 10.09
C GLN A 311 6.52 -1.62 10.44
N GLY A 312 7.14 -0.98 9.44
CA GLY A 312 7.75 0.32 9.63
C GLY A 312 6.73 1.38 10.02
N SER A 313 5.45 1.13 9.70
CA SER A 313 4.39 2.08 10.02
C SER A 313 3.50 1.60 11.18
N THR A 314 3.82 0.42 11.72
CA THR A 314 3.07 -0.13 12.84
C THR A 314 3.98 -0.34 14.07
N ILE A 315 4.62 -1.50 14.14
CA ILE A 315 5.55 -1.81 15.22
C ILE A 315 6.61 -0.73 15.40
N LEU A 316 7.23 -0.31 14.30
CA LEU A 316 8.32 0.67 14.40
C LEU A 316 7.80 2.06 14.73
N ALA A 317 6.57 2.37 14.32
CA ALA A 317 5.94 3.62 14.77
C ALA A 317 5.72 3.59 16.29
N ASN A 318 5.34 2.42 16.79
CA ASN A 318 5.16 2.25 18.24
C ASN A 318 6.54 2.35 18.92
N TYR A 319 7.54 1.74 18.29
CA TYR A 319 8.91 1.79 18.80
C TYR A 319 9.40 3.24 18.89
N ALA A 320 9.11 4.04 17.86
CA ALA A 320 9.49 5.46 17.85
C ALA A 320 8.92 6.19 19.05
N ASP A 321 7.68 5.86 19.39
CA ASP A 321 6.92 6.55 20.43
C ASP A 321 7.23 6.07 21.85
N LYS A 322 7.53 4.78 22.01
CA LYS A 322 7.63 4.17 23.34
C LYS A 322 9.05 3.77 23.77
N ARG A 323 9.96 3.63 22.80
CA ARG A 323 11.27 3.03 23.07
C ARG A 323 12.45 3.91 22.67
N THR A 324 12.15 5.06 22.09
CA THR A 324 13.18 5.88 21.45
C THR A 324 13.33 7.21 22.17
N GLN A 325 14.56 7.68 22.35
CA GLN A 325 14.75 8.98 22.98
C GLN A 325 14.47 10.06 21.96
N LEU A 326 13.37 10.79 22.16
CA LEU A 326 12.94 11.83 21.23
C LEU A 326 13.54 13.16 21.63
N ASP A 327 14.04 13.22 22.85
CA ASP A 327 14.67 14.43 23.36
C ASP A 327 16.17 14.34 23.15
N VAL A 328 16.61 14.59 21.93
CA VAL A 328 18.03 14.62 21.61
C VAL A 328 18.40 16.03 21.18
N ALA A 329 19.53 16.51 21.70
CA ALA A 329 19.86 17.93 21.69
C ALA A 329 18.75 18.68 22.41
N GLY A 330 18.43 19.88 21.92
CA GLY A 330 17.34 20.65 22.50
C GLY A 330 16.01 20.27 21.86
N ILE A 331 16.08 19.80 20.63
CA ILE A 331 14.87 19.52 19.85
C ILE A 331 14.11 18.30 20.35
N HIS A 332 12.78 18.38 20.26
CA HIS A 332 11.95 17.24 20.55
C HIS A 332 11.36 16.69 19.26
N LEU A 333 11.85 15.53 18.85
CA LEU A 333 11.36 14.87 17.65
C LEU A 333 9.93 14.40 17.87
N SER A 334 9.10 14.52 16.84
CA SER A 334 7.80 13.86 16.90
C SER A 334 7.98 12.46 16.36
N PRO A 335 7.45 11.45 17.08
CA PRO A 335 7.63 10.08 16.58
C PRO A 335 6.99 9.85 15.22
N ALA A 336 5.98 10.67 14.88
CA ALA A 336 5.33 10.58 13.57
C ALA A 336 6.33 10.86 12.45
N TRP A 337 7.34 11.67 12.74
CA TRP A 337 8.28 12.06 11.70
C TRP A 337 9.06 10.88 11.09
N PHE A 338 9.16 9.77 11.83
CA PHE A 338 9.94 8.63 11.33
C PHE A 338 9.30 8.02 10.09
N GLN A 339 8.01 8.31 9.88
CA GLN A 339 7.29 7.85 8.69
C GLN A 339 7.79 8.53 7.41
N SER A 340 8.55 9.61 7.55
CA SER A 340 9.14 10.28 6.39
C SER A 340 10.42 9.60 5.90
N LEU A 341 10.99 8.71 6.70
CA LEU A 341 12.31 8.12 6.36
C LEU A 341 12.25 7.20 5.14
N ASN A 342 11.28 6.29 5.12
CA ASN A 342 11.13 5.42 3.96
C ASN A 342 11.06 6.18 2.62
N PRO A 343 10.11 7.14 2.47
CA PRO A 343 10.12 7.84 1.18
C PRO A 343 11.37 8.72 0.95
N LEU A 344 11.89 9.38 1.97
CA LEU A 344 13.12 10.15 1.81
C LEU A 344 14.23 9.28 1.21
N PHE A 345 14.47 8.12 1.83
CA PHE A 345 15.58 7.27 1.42
C PHE A 345 15.33 6.70 0.03
N ILE A 346 14.07 6.47 -0.32
CA ILE A 346 13.77 5.95 -1.65
C ILE A 346 14.08 7.02 -2.70
N ILE A 347 13.65 8.25 -2.43
CA ILE A 347 13.92 9.35 -3.34
C ILE A 347 15.43 9.54 -3.56
N ILE A 348 16.19 9.51 -2.47
CA ILE A 348 17.63 9.71 -2.52
C ILE A 348 18.36 8.53 -3.18
N LEU A 349 17.96 7.32 -2.82
CA LEU A 349 18.72 6.13 -3.24
C LEU A 349 18.31 5.49 -4.57
N ALA A 350 17.05 5.65 -4.98
CA ALA A 350 16.59 5.05 -6.24
C ALA A 350 17.50 5.31 -7.46
N PRO A 351 17.89 6.56 -7.73
CA PRO A 351 18.74 6.75 -8.90
C PRO A 351 20.13 6.12 -8.74
N VAL A 352 20.61 6.00 -7.51
CA VAL A 352 21.90 5.38 -7.26
C VAL A 352 21.86 3.88 -7.57
N PHE A 353 20.81 3.23 -7.11
CA PHE A 353 20.60 1.83 -7.45
C PHE A 353 20.46 1.62 -8.96
N ALA A 354 19.68 2.47 -9.61
CA ALA A 354 19.45 2.34 -11.05
C ALA A 354 20.77 2.45 -11.79
N TRP A 355 21.62 3.35 -11.34
CA TRP A 355 22.93 3.53 -11.94
C TRP A 355 23.76 2.27 -11.70
N MET A 356 23.72 1.76 -10.47
CA MET A 356 24.44 0.55 -10.10
C MET A 356 24.12 -0.63 -11.01
N TRP A 357 22.85 -0.88 -11.26
CA TRP A 357 22.46 -2.00 -12.10
C TRP A 357 23.01 -1.82 -13.53
N VAL A 358 22.97 -0.59 -14.02
CA VAL A 358 23.54 -0.30 -15.34
C VAL A 358 25.03 -0.61 -15.35
N LYS A 359 25.75 -0.18 -14.32
CA LYS A 359 27.20 -0.39 -14.30
C LYS A 359 27.58 -1.86 -14.13
N LEU A 360 26.74 -2.60 -13.41
CA LEU A 360 26.98 -4.02 -13.23
C LEU A 360 26.74 -4.78 -14.53
N GLY A 361 25.76 -4.31 -15.30
CA GLY A 361 25.42 -4.92 -16.57
C GLY A 361 25.14 -6.40 -16.45
N LYS A 362 25.86 -7.19 -17.24
CA LYS A 362 25.68 -8.64 -17.27
C LYS A 362 26.03 -9.34 -15.96
N ARG A 363 26.73 -8.62 -15.10
CA ARG A 363 27.14 -9.18 -13.81
C ARG A 363 26.08 -8.97 -12.72
N GLN A 364 25.01 -8.24 -13.03
CA GLN A 364 24.03 -7.89 -12.00
C GLN A 364 23.27 -9.13 -11.55
N PRO A 365 22.75 -9.10 -10.32
CA PRO A 365 21.95 -10.24 -9.85
C PRO A 365 20.72 -10.44 -10.74
N THR A 366 20.27 -11.68 -10.88
CA THR A 366 19.03 -11.96 -11.58
C THR A 366 17.84 -11.51 -10.73
N ILE A 367 16.64 -11.64 -11.28
CA ILE A 367 15.44 -11.27 -10.55
C ILE A 367 15.26 -12.06 -9.24
N PRO A 368 15.35 -13.41 -9.28
CA PRO A 368 15.21 -14.13 -8.01
C PRO A 368 16.32 -13.77 -7.02
N GLN A 369 17.52 -13.48 -7.52
CA GLN A 369 18.60 -13.06 -6.63
C GLN A 369 18.27 -11.71 -5.96
N LYS A 370 17.65 -10.80 -6.72
CA LYS A 370 17.23 -9.50 -6.19
C LYS A 370 16.14 -9.63 -5.11
N PHE A 371 15.24 -10.59 -5.28
CA PHE A 371 14.24 -10.89 -4.25
C PHE A 371 14.96 -11.32 -2.98
N ALA A 372 15.94 -12.21 -3.14
CA ALA A 372 16.71 -12.75 -2.03
C ALA A 372 17.45 -11.63 -1.29
N LEU A 373 18.10 -10.75 -2.05
CA LEU A 373 18.80 -9.62 -1.47
C LEU A 373 17.85 -8.71 -0.69
N GLY A 374 16.65 -8.53 -1.22
CA GLY A 374 15.65 -7.71 -0.54
C GLY A 374 15.32 -8.30 0.82
N LEU A 375 15.11 -9.61 0.84
CA LEU A 375 14.81 -10.31 2.07
C LEU A 375 15.95 -10.27 3.09
N LEU A 376 17.19 -10.44 2.63
CA LEU A 376 18.33 -10.39 3.51
C LEU A 376 18.45 -9.03 4.20
N PHE A 377 18.30 -7.95 3.43
CA PHE A 377 18.34 -6.61 3.98
C PHE A 377 17.18 -6.40 4.97
N ALA A 378 16.00 -6.88 4.61
CA ALA A 378 14.84 -6.75 5.49
C ALA A 378 15.15 -7.45 6.81
N GLY A 379 15.68 -8.66 6.75
CA GLY A 379 16.04 -9.39 7.95
C GLY A 379 17.07 -8.66 8.79
N LEU A 380 18.10 -8.16 8.11
CA LEU A 380 19.14 -7.37 8.79
C LEU A 380 18.57 -6.14 9.49
N SER A 381 17.56 -5.50 8.90
CA SER A 381 17.01 -4.29 9.51
C SER A 381 16.41 -4.59 10.89
N PHE A 382 15.84 -5.78 11.05
CA PHE A 382 15.27 -6.20 12.33
C PHE A 382 16.34 -6.65 13.33
N ILE A 383 17.43 -7.23 12.83
CA ILE A 383 18.52 -7.58 13.73
C ILE A 383 19.12 -6.31 14.30
N VAL A 384 19.24 -5.29 13.46
CA VAL A 384 19.83 -4.04 13.88
C VAL A 384 19.02 -3.38 14.99
N ILE A 385 17.69 -3.40 14.83
CA ILE A 385 16.83 -2.69 15.77
C ILE A 385 16.78 -3.34 17.15
N LEU A 386 16.98 -4.66 17.22
CA LEU A 386 16.92 -5.32 18.53
C LEU A 386 18.16 -5.04 19.38
N VAL A 387 19.26 -4.64 18.75
CA VAL A 387 20.53 -4.48 19.48
C VAL A 387 20.55 -3.43 20.61
N PRO A 388 20.16 -2.17 20.31
CA PRO A 388 20.27 -1.18 21.40
C PRO A 388 19.46 -1.52 22.65
N GLY A 389 18.23 -1.98 22.48
CA GLY A 389 17.41 -2.39 23.61
C GLY A 389 18.01 -3.53 24.40
N HIS A 390 18.65 -4.47 23.69
CA HIS A 390 19.28 -5.61 24.34
C HIS A 390 20.56 -5.22 25.09
N LEU A 391 21.30 -4.27 24.54
CA LEU A 391 22.55 -3.83 25.15
C LEU A 391 22.30 -2.93 26.36
N SER A 392 21.27 -2.09 26.25
CA SER A 392 20.95 -1.14 27.30
C SER A 392 20.45 -1.84 28.57
N GLY A 393 19.56 -2.81 28.38
CA GLY A 393 18.93 -3.50 29.48
C GLY A 393 17.69 -2.77 29.95
N GLY A 394 17.38 -1.66 29.28
CA GLY A 394 16.21 -0.88 29.60
C GLY A 394 16.37 0.58 29.22
N GLY A 395 15.29 1.34 29.31
CA GLY A 395 15.33 2.76 29.02
C GLY A 395 15.26 3.03 27.53
N LEU A 396 15.08 4.30 27.18
CA LEU A 396 15.00 4.71 25.79
C LEU A 396 16.33 4.54 25.06
N VAL A 397 16.27 4.25 23.76
CA VAL A 397 17.46 4.10 22.93
C VAL A 397 17.61 5.30 21.98
N HIS A 398 18.84 5.55 21.54
CA HIS A 398 19.13 6.64 20.61
C HIS A 398 18.39 6.42 19.29
N PRO A 399 17.81 7.50 18.73
CA PRO A 399 17.01 7.37 17.51
C PRO A 399 17.81 6.95 16.28
N ILE A 400 19.13 7.09 16.32
CA ILE A 400 19.95 6.67 15.17
C ILE A 400 19.74 5.20 14.78
N TRP A 401 19.44 4.36 15.76
CA TRP A 401 19.29 2.94 15.50
C TRP A 401 18.04 2.66 14.69
N LEU A 402 17.01 3.46 14.94
CA LEU A 402 15.77 3.34 14.19
C LEU A 402 15.96 3.86 12.77
N VAL A 403 16.66 4.99 12.64
CA VAL A 403 16.97 5.54 11.32
C VAL A 403 17.72 4.49 10.49
N LEU A 404 18.71 3.85 11.09
CA LEU A 404 19.49 2.85 10.38
C LEU A 404 18.61 1.69 9.95
N SER A 405 17.64 1.31 10.78
CA SER A 405 16.75 0.22 10.43
C SER A 405 15.88 0.56 9.20
N TYR A 406 15.26 1.74 9.22
CA TYR A 406 14.51 2.22 8.07
C TYR A 406 15.38 2.27 6.80
N PHE A 407 16.62 2.76 6.94
CA PHE A 407 17.55 2.86 5.82
C PHE A 407 17.86 1.48 5.22
N ILE A 408 18.10 0.50 6.08
CA ILE A 408 18.47 -0.84 5.62
C ILE A 408 17.28 -1.51 4.91
N VAL A 409 16.07 -1.29 5.41
CA VAL A 409 14.87 -1.78 4.73
C VAL A 409 14.78 -1.23 3.32
N VAL A 410 15.09 0.05 3.14
CA VAL A 410 15.05 0.65 1.82
C VAL A 410 16.08 0.02 0.86
N LEU A 411 17.27 -0.30 1.37
CA LEU A 411 18.23 -1.02 0.54
C LEU A 411 17.57 -2.28 -0.02
N GLY A 412 16.85 -2.99 0.84
CA GLY A 412 16.18 -4.20 0.38
C GLY A 412 15.02 -3.91 -0.56
N GLU A 413 14.24 -2.88 -0.22
CA GLU A 413 13.10 -2.50 -1.05
C GLU A 413 13.56 -2.20 -2.47
N LEU A 414 14.69 -1.53 -2.60
CA LEU A 414 15.21 -1.16 -3.91
C LEU A 414 15.82 -2.35 -4.70
N CYS A 415 16.05 -3.48 -4.02
CA CYS A 415 16.38 -4.72 -4.72
C CYS A 415 15.13 -5.46 -5.20
N LEU A 416 14.19 -5.66 -4.28
CA LEU A 416 13.05 -6.55 -4.55
C LEU A 416 11.91 -5.86 -5.32
N SER A 417 11.45 -4.72 -4.79
CA SER A 417 10.24 -4.10 -5.34
C SER A 417 10.28 -3.70 -6.83
N PRO A 418 11.41 -3.15 -7.31
CA PRO A 418 11.38 -2.79 -8.74
C PRO A 418 11.26 -3.99 -9.72
N VAL A 419 11.51 -5.21 -9.25
CA VAL A 419 11.41 -6.36 -10.15
C VAL A 419 10.23 -7.26 -9.78
N GLY A 420 9.40 -6.78 -8.86
CA GLY A 420 8.28 -7.57 -8.37
C GLY A 420 7.26 -7.87 -9.45
N LEU A 421 6.79 -6.82 -10.12
CA LEU A 421 5.78 -7.00 -11.18
C LEU A 421 6.38 -7.79 -12.34
N SER A 422 7.63 -7.49 -12.65
CA SER A 422 8.34 -8.17 -13.73
C SER A 422 8.44 -9.68 -13.45
N ALA A 423 8.78 -10.04 -12.23
CA ALA A 423 8.82 -11.45 -11.85
C ALA A 423 7.45 -12.09 -12.01
N THR A 424 6.43 -11.34 -11.61
CA THR A 424 5.06 -11.86 -11.60
C THR A 424 4.59 -12.09 -13.03
N THR A 425 4.86 -11.12 -13.89
CA THR A 425 4.50 -11.23 -15.30
C THR A 425 5.26 -12.38 -15.97
N LYS A 426 6.54 -12.52 -15.65
CA LYS A 426 7.35 -13.55 -16.28
C LYS A 426 6.92 -14.97 -15.90
N LEU A 427 6.33 -15.14 -14.71
CA LEU A 427 6.04 -16.49 -14.23
C LEU A 427 4.56 -16.86 -14.22
N ALA A 428 3.71 -15.91 -14.56
CA ALA A 428 2.27 -16.16 -14.54
C ALA A 428 1.80 -16.59 -15.92
N PRO A 429 0.80 -17.47 -15.97
CA PRO A 429 0.34 -17.95 -17.27
C PRO A 429 -0.24 -16.80 -18.13
N ALA A 430 -0.15 -16.94 -19.46
CA ALA A 430 -0.69 -15.93 -20.36
C ALA A 430 -2.19 -15.71 -20.16
N ALA A 431 -2.92 -16.77 -19.78
CA ALA A 431 -4.36 -16.62 -19.51
C ALA A 431 -4.64 -15.70 -18.32
N PHE A 432 -3.64 -15.52 -17.48
CA PHE A 432 -3.81 -14.71 -16.27
C PHE A 432 -3.10 -13.36 -16.38
N SER A 433 -2.81 -12.93 -17.61
CA SER A 433 -1.99 -11.75 -17.80
C SER A 433 -2.64 -10.45 -17.31
N ALA A 434 -3.97 -10.39 -17.32
CA ALA A 434 -4.68 -9.22 -16.83
C ALA A 434 -4.74 -9.14 -15.30
N GLN A 435 -4.39 -10.22 -14.62
CA GLN A 435 -4.42 -10.23 -13.16
C GLN A 435 -3.03 -10.13 -12.51
N THR A 436 -2.01 -9.86 -13.31
CA THR A 436 -0.63 -9.86 -12.80
C THR A 436 -0.36 -8.78 -11.77
N MET A 437 -0.89 -7.58 -12.00
CA MET A 437 -0.76 -6.51 -11.02
C MET A 437 -1.40 -6.89 -9.70
N SER A 438 -2.62 -7.41 -9.76
CA SER A 438 -3.32 -7.83 -8.54
C SER A 438 -2.58 -8.94 -7.82
N LEU A 439 -1.99 -9.86 -8.58
CA LEU A 439 -1.27 -10.98 -7.97
C LEU A 439 -0.01 -10.49 -7.27
N TRP A 440 0.71 -9.58 -7.92
CA TRP A 440 1.89 -8.97 -7.32
C TRP A 440 1.54 -8.18 -6.05
N PHE A 441 0.52 -7.33 -6.13
CA PHE A 441 0.07 -6.58 -4.94
C PHE A 441 -0.49 -7.48 -3.84
N LEU A 442 -0.97 -8.66 -4.22
CA LEU A 442 -1.49 -9.60 -3.23
C LEU A 442 -0.43 -10.04 -2.19
N SER A 443 0.83 -10.18 -2.58
CA SER A 443 1.85 -10.56 -1.60
C SER A 443 2.03 -9.48 -0.54
N ASN A 444 1.91 -8.21 -0.92
CA ASN A 444 1.99 -7.13 0.07
C ASN A 444 0.75 -7.11 0.98
N ALA A 445 -0.42 -7.35 0.40
CA ALA A 445 -1.65 -7.34 1.19
C ALA A 445 -1.73 -8.50 2.17
N ALA A 446 -1.29 -9.68 1.74
CA ALA A 446 -1.23 -10.84 2.62
C ALA A 446 -0.26 -10.60 3.75
N ALA A 447 0.84 -9.92 3.45
CA ALA A 447 1.83 -9.60 4.48
C ALA A 447 1.19 -8.75 5.59
N GLN A 448 0.34 -7.81 5.20
CA GLN A 448 -0.27 -6.88 6.15
C GLN A 448 -1.32 -7.61 6.99
N ALA A 449 -2.06 -8.52 6.36
CA ALA A 449 -3.06 -9.33 7.05
C ALA A 449 -2.41 -10.19 8.12
N ILE A 450 -1.24 -10.73 7.78
CA ILE A 450 -0.47 -11.57 8.67
C ILE A 450 0.18 -10.73 9.77
N ASN A 451 0.71 -9.55 9.41
CA ASN A 451 1.28 -8.62 10.39
C ASN A 451 0.33 -8.40 11.57
N ALA A 452 -0.96 -8.25 11.28
CA ALA A 452 -1.96 -8.01 12.33
C ALA A 452 -2.04 -9.16 13.34
N GLN A 453 -1.83 -10.37 12.87
CA GLN A 453 -1.86 -11.52 13.77
C GLN A 453 -0.58 -11.60 14.62
N LEU A 454 0.48 -10.95 14.16
CA LEU A 454 1.78 -11.06 14.83
C LEU A 454 1.93 -10.08 15.99
N VAL A 455 1.01 -9.11 16.03
CA VAL A 455 1.08 -7.99 16.98
C VAL A 455 1.16 -8.40 18.45
N ARG A 456 0.36 -9.38 18.85
CA ARG A 456 0.34 -9.80 20.25
C ARG A 456 1.67 -10.36 20.75
N PHE A 457 2.57 -10.73 19.84
CA PHE A 457 3.90 -11.19 20.23
C PHE A 457 4.81 -10.01 20.53
N TYR A 458 4.36 -8.81 20.19
CA TYR A 458 5.20 -7.63 20.39
C TYR A 458 4.92 -6.96 21.73
N THR A 459 5.81 -7.20 22.69
CA THR A 459 5.72 -6.58 24.02
C THR A 459 7.13 -6.23 24.47
N PRO A 460 7.26 -5.30 25.45
CA PRO A 460 8.57 -4.91 25.99
C PRO A 460 9.42 -6.11 26.40
N GLU A 461 8.78 -7.08 27.05
CA GLU A 461 9.48 -8.27 27.53
C GLU A 461 9.84 -9.26 26.41
N ASN A 462 9.17 -9.16 25.27
CA ASN A 462 9.41 -10.10 24.17
C ASN A 462 10.01 -9.41 22.96
N GLU A 463 10.48 -8.18 23.15
CA GLU A 463 10.95 -7.36 22.04
C GLU A 463 12.11 -8.01 21.31
N THR A 464 13.10 -8.46 22.07
CA THR A 464 14.28 -9.10 21.50
C THR A 464 13.88 -10.35 20.71
N ALA A 465 13.04 -11.20 21.32
CA ALA A 465 12.59 -12.40 20.62
C ALA A 465 11.75 -12.05 19.39
N TYR A 466 10.96 -10.98 19.48
CA TYR A 466 10.11 -10.57 18.37
C TYR A 466 10.94 -10.18 17.14
N PHE A 467 11.84 -9.22 17.32
CA PHE A 467 12.65 -8.73 16.20
C PHE A 467 13.61 -9.81 15.71
N GLY A 468 14.19 -10.57 16.63
CA GLY A 468 15.18 -11.58 16.27
C GLY A 468 14.60 -12.75 15.48
N THR A 469 13.43 -13.22 15.89
CA THR A 469 12.78 -14.34 15.23
C THR A 469 12.28 -13.95 13.84
N ILE A 470 11.73 -12.75 13.73
CA ILE A 470 11.21 -12.35 12.45
C ILE A 470 12.37 -11.97 11.53
N GLY A 471 13.36 -11.27 12.08
CA GLY A 471 14.56 -10.94 11.34
C GLY A 471 15.32 -12.18 10.91
N GLY A 472 15.50 -13.12 11.83
CA GLY A 472 16.15 -14.39 11.53
C GLY A 472 15.40 -15.20 10.49
N ALA A 473 14.07 -15.16 10.54
CA ALA A 473 13.28 -15.91 9.56
C ALA A 473 13.50 -15.32 8.16
N ALA A 474 13.59 -14.01 8.09
CA ALA A 474 13.83 -13.36 6.80
C ALA A 474 15.23 -13.72 6.30
N LEU A 475 16.21 -13.72 7.21
CA LEU A 475 17.57 -14.13 6.84
C LEU A 475 17.62 -15.57 6.31
N VAL A 476 16.95 -16.47 7.01
CA VAL A 476 16.97 -17.88 6.63
C VAL A 476 16.29 -18.09 5.29
N LEU A 477 15.14 -17.46 5.10
CA LEU A 477 14.44 -17.58 3.86
C LEU A 477 15.21 -16.92 2.72
N GLY A 478 15.86 -15.79 2.99
CA GLY A 478 16.65 -15.12 1.96
C GLY A 478 17.79 -16.02 1.49
N LEU A 479 18.43 -16.70 2.42
CA LEU A 479 19.52 -17.61 2.10
C LEU A 479 19.05 -18.76 1.23
N ILE A 480 17.95 -19.38 1.64
CA ILE A 480 17.35 -20.46 0.85
C ILE A 480 16.95 -20.00 -0.56
N LEU A 481 16.38 -18.81 -0.66
CA LEU A 481 15.97 -18.30 -1.97
C LEU A 481 17.19 -18.11 -2.87
N LEU A 482 18.27 -17.58 -2.31
CA LEU A 482 19.53 -17.42 -3.04
C LEU A 482 19.97 -18.73 -3.65
N ALA A 483 19.82 -19.79 -2.87
CA ALA A 483 20.28 -21.11 -3.26
C ALA A 483 19.46 -21.74 -4.40
N ILE A 484 18.16 -21.47 -4.39
CA ILE A 484 17.30 -22.04 -5.43
C ILE A 484 17.04 -21.04 -6.57
N ALA A 485 17.61 -19.85 -6.43
CA ALA A 485 17.52 -18.83 -7.46
C ALA A 485 18.00 -19.24 -8.87
N PRO A 486 19.06 -20.08 -8.98
CA PRO A 486 19.47 -20.41 -10.35
C PRO A 486 18.37 -21.06 -11.21
N ARG A 487 17.67 -22.05 -10.67
CA ARG A 487 16.65 -22.74 -11.45
C ARG A 487 15.45 -21.83 -11.71
N ILE A 488 15.08 -21.04 -10.72
CA ILE A 488 13.99 -20.09 -10.85
C ILE A 488 14.30 -19.08 -11.96
N GLY A 489 15.49 -18.50 -11.92
CA GLY A 489 15.92 -17.59 -12.97
C GLY A 489 15.87 -18.15 -14.39
N ARG A 490 16.30 -19.41 -14.56
CA ARG A 490 16.30 -20.02 -15.89
C ARG A 490 14.89 -20.24 -16.43
N LEU A 491 13.92 -20.47 -15.53
CA LEU A 491 12.54 -20.71 -15.96
C LEU A 491 11.82 -19.44 -16.37
N MET A 492 12.36 -18.28 -16.01
CA MET A 492 11.68 -17.02 -16.32
C MET A 492 11.62 -16.74 -17.81
N LYS A 493 10.42 -16.35 -18.27
CA LYS A 493 10.16 -16.15 -19.70
C LYS A 493 10.80 -14.86 -20.22
#